data_8BN0
#
_entry.id   8BN0
#
_cell.length_a   79.050
_cell.length_b   79.050
_cell.length_c   155.240
_cell.angle_alpha   90.000
_cell.angle_beta   90.000
_cell.angle_gamma   90.000
#
_symmetry.space_group_name_H-M   'P 41 21 2'
#
loop_
_entity.id
_entity.type
_entity.pdbx_description
1 polymer 'Putative surface layer protein'
2 non-polymer 'CYANIDE ION'
3 non-polymer 'CHLORIDE ION'
4 non-polymer COB(II)INAMIDE
5 water water
#
_entity_poly.entity_id   1
_entity_poly.type   'polypeptide(L)'
_entity_poly.pdbx_seq_one_letter_code
;MIRVLFFIRMTMSRTIQRICLFLFCLPVFGSMGKWDYGEMEDFSVSASGLFITNEGNFQYSNATLSYYDPATCEVENEVF
YRANGFKLGDVAQSMVIRDGIGWIVVNNSHVIFAIDINTFKEVGRITGFTSPRYIHFLSDEKAYVTQIWDYRIFIINPKT
YEITGYIECPDMDMESGSTEQMVQYGKYVYVNCWSYQNRILKIDTETDKVVDELTIGIQPTSLVMDKYNKMWTITDGGYE
GSPYGYEAPSLYRIDAETFTVEKQFKFKLGDWPSEVQLNGTRDTLYWINNDIWRMPVEADRVPVRPFLEFRDTKYYGLTV
NPNNGEVYVADAIDYQQQGIVYRYSPQGKLIDEFYVGIIPGAFCWKLEHHHHHH
;
_entity_poly.pdbx_strand_id   A
#
loop_
_chem_comp.id
_chem_comp.type
_chem_comp.name
_chem_comp.formula
CBY non-polymer COB(II)INAMIDE 'C48 H72 Co N11 O8 1'
CL non-polymer 'CHLORIDE ION' 'Cl -1'
CYN non-polymer 'CYANIDE ION' 'C N -1'
#
# COMPACT_ATOMS: atom_id res chain seq x y z
N GLY A 33 -10.32 11.05 22.10
CA GLY A 33 -9.17 10.19 22.38
C GLY A 33 -8.16 10.20 21.26
N LYS A 34 -7.08 10.96 21.41
CA LYS A 34 -6.17 11.16 20.29
C LYS A 34 -4.75 11.45 20.73
N TRP A 35 -4.57 12.52 21.53
CA TRP A 35 -3.24 13.07 21.78
C TRP A 35 -2.97 13.43 23.25
N ASP A 36 -3.88 13.14 24.17
CA ASP A 36 -3.69 13.49 25.58
C ASP A 36 -2.89 12.45 26.34
N TYR A 37 -1.75 12.06 25.76
CA TYR A 37 -1.00 10.89 26.19
C TYR A 37 0.14 11.20 27.15
N GLY A 38 0.43 12.47 27.41
CA GLY A 38 1.49 12.82 28.35
C GLY A 38 2.90 12.58 27.84
N GLU A 39 3.77 12.10 28.73
CA GLU A 39 5.16 11.90 28.36
C GLU A 39 5.28 10.73 27.37
N MET A 40 6.44 10.67 26.72
CA MET A 40 6.71 9.58 25.79
C MET A 40 6.64 8.25 26.53
N GLU A 41 6.13 7.24 25.84
CA GLU A 41 5.98 5.90 26.38
CA GLU A 41 5.98 5.90 26.39
C GLU A 41 7.09 5.01 25.83
N ASP A 42 7.63 4.15 26.71
CA ASP A 42 8.59 3.14 26.28
C ASP A 42 7.83 1.87 25.96
N PHE A 43 7.82 1.50 24.68
CA PHE A 43 7.16 0.30 24.20
C PHE A 43 8.19 -0.80 24.04
N SER A 44 7.75 -2.03 24.24
CA SER A 44 8.52 -3.21 23.89
C SER A 44 7.49 -4.27 23.49
N VAL A 45 7.17 -4.32 22.21
CA VAL A 45 6.03 -5.14 21.78
C VAL A 45 6.48 -6.49 21.24
N SER A 46 5.49 -7.28 20.80
CA SER A 46 5.70 -8.66 20.35
C SER A 46 6.65 -8.72 19.16
N ALA A 47 7.38 -9.83 19.04
CA ALA A 47 8.22 -10.07 17.88
C ALA A 47 7.41 -10.23 16.60
N SER A 48 6.14 -10.63 16.72
CA SER A 48 5.26 -10.83 15.60
C SER A 48 4.06 -9.92 15.75
N GLY A 49 3.78 -9.11 14.73
CA GLY A 49 2.63 -8.23 14.85
C GLY A 49 2.30 -7.56 13.53
N LEU A 50 1.38 -6.58 13.58
CA LEU A 50 0.84 -5.99 12.36
C LEU A 50 0.76 -4.48 12.56
N PHE A 51 1.43 -3.72 11.71
CA PHE A 51 1.24 -2.28 11.65
C PHE A 51 0.10 -1.89 10.73
N ILE A 52 -0.67 -0.89 11.14
CA ILE A 52 -1.73 -0.31 10.31
C ILE A 52 -1.46 1.17 10.22
N THR A 53 -1.26 1.66 8.99
CA THR A 53 -1.12 3.11 8.81
C THR A 53 -2.52 3.71 8.64
N ASN A 54 -2.73 4.88 9.21
CA ASN A 54 -4.01 5.58 9.13
C ASN A 54 -3.73 6.89 8.42
N GLU A 55 -4.38 7.08 7.27
CA GLU A 55 -4.11 8.29 6.46
C GLU A 55 -4.50 9.54 7.20
N GLY A 56 -5.48 9.44 8.11
CA GLY A 56 -6.11 10.66 8.61
C GLY A 56 -6.88 11.36 7.50
N ASN A 57 -7.40 12.54 7.81
CA ASN A 57 -8.09 13.33 6.79
C ASN A 57 -7.07 14.21 6.08
N PHE A 58 -6.99 14.10 4.76
CA PHE A 58 -6.10 14.92 3.94
C PHE A 58 -6.23 16.40 4.33
N GLN A 59 -5.08 17.02 4.61
CA GLN A 59 -4.90 18.43 4.98
C GLN A 59 -5.17 18.72 6.45
N TYR A 60 -5.55 17.72 7.27
CA TYR A 60 -5.68 17.94 8.70
C TYR A 60 -4.52 17.44 9.54
N SER A 61 -3.57 16.72 8.96
CA SER A 61 -2.37 16.29 9.70
C SER A 61 -2.77 15.49 10.94
N ASN A 62 -3.67 14.53 10.75
CA ASN A 62 -4.09 13.63 11.84
C ASN A 62 -3.85 12.17 11.49
N ALA A 63 -2.87 11.92 10.63
CA ALA A 63 -2.42 10.54 10.37
C ALA A 63 -1.82 9.92 11.63
N THR A 64 -1.96 8.60 11.77
CA THR A 64 -1.45 7.91 12.97
C THR A 64 -1.03 6.50 12.58
N LEU A 65 -0.27 5.88 13.46
CA LEU A 65 0.19 4.50 13.29
C LEU A 65 -0.41 3.64 14.40
N SER A 66 -0.94 2.47 14.03
CA SER A 66 -1.47 1.51 14.99
C SER A 66 -0.66 0.23 14.91
N TYR A 67 -0.62 -0.50 16.03
CA TYR A 67 0.09 -1.78 16.08
C TYR A 67 -0.81 -2.83 16.72
N TYR A 68 -1.05 -3.92 16.02
CA TYR A 68 -1.93 -4.97 16.51
C TYR A 68 -1.11 -6.23 16.75
N ASP A 69 -1.39 -6.89 17.86
CA ASP A 69 -0.76 -8.17 18.22
C ASP A 69 -1.78 -9.29 18.01
N PRO A 70 -1.65 -10.10 16.94
CA PRO A 70 -2.68 -11.11 16.65
C PRO A 70 -2.78 -12.20 17.69
N ALA A 71 -1.72 -12.39 18.50
CA ALA A 71 -1.74 -13.44 19.52
C ALA A 71 -2.64 -13.06 20.70
N THR A 72 -2.65 -11.77 21.06
CA THR A 72 -3.48 -11.31 22.17
C THR A 72 -4.73 -10.56 21.71
N CYS A 73 -4.88 -10.32 20.42
CA CYS A 73 -6.00 -9.54 19.85
C CYS A 73 -6.09 -8.16 20.51
N GLU A 74 -4.95 -7.54 20.75
CA GLU A 74 -4.88 -6.18 21.32
C GLU A 74 -4.28 -5.22 20.31
N VAL A 75 -4.91 -4.06 20.18
CA VAL A 75 -4.39 -2.98 19.35
C VAL A 75 -3.89 -1.85 20.24
N GLU A 76 -2.79 -1.23 19.83
CA GLU A 76 -2.33 0.04 20.38
C GLU A 76 -2.43 1.10 19.30
N ASN A 77 -3.05 2.22 19.62
CA ASN A 77 -3.24 3.29 18.66
C ASN A 77 -2.34 4.48 18.97
N GLU A 78 -2.09 5.29 17.93
CA GLU A 78 -1.25 6.48 18.04
C GLU A 78 0.15 6.13 18.55
N VAL A 79 0.73 5.03 18.07
CA VAL A 79 1.96 4.58 18.71
C VAL A 79 3.18 5.43 18.32
N PHE A 80 3.18 6.03 17.13
CA PHE A 80 4.33 6.86 16.77
C PHE A 80 4.34 8.12 17.62
N TYR A 81 3.18 8.77 17.76
CA TYR A 81 3.07 9.94 18.63
C TYR A 81 3.39 9.58 20.08
N ARG A 82 2.87 8.46 20.56
CA ARG A 82 3.12 8.08 21.96
C ARG A 82 4.58 7.79 22.21
N ALA A 83 5.29 7.16 21.27
CA ALA A 83 6.70 6.84 21.47
C ALA A 83 7.60 8.05 21.26
N ASN A 84 7.25 8.95 20.33
CA ASN A 84 8.17 10.00 19.94
C ASN A 84 7.81 11.38 20.44
N GLY A 85 6.57 11.59 20.86
CA GLY A 85 6.14 12.89 21.35
C GLY A 85 5.80 13.91 20.28
N PHE A 86 5.78 13.50 19.02
CA PHE A 86 5.32 14.38 17.95
C PHE A 86 4.59 13.55 16.92
N LYS A 87 3.76 14.22 16.12
CA LYS A 87 2.85 13.52 15.23
C LYS A 87 3.52 13.15 13.91
N LEU A 88 2.96 12.14 13.26
CA LEU A 88 3.46 11.65 11.99
C LEU A 88 3.30 12.69 10.90
N GLY A 89 2.16 13.38 10.88
CA GLY A 89 1.90 14.35 9.84
C GLY A 89 0.62 14.09 9.08
N ASP A 90 0.67 14.20 7.76
CA ASP A 90 -0.54 14.19 6.94
C ASP A 90 -0.44 13.10 5.87
N VAL A 91 -1.44 12.20 5.84
CA VAL A 91 -1.58 11.08 4.90
C VAL A 91 -0.41 10.08 5.05
N ALA A 92 -0.39 9.35 6.15
CA ALA A 92 0.49 8.15 6.22
C ALA A 92 -0.03 7.15 5.21
N GLN A 93 0.78 6.84 4.23
CA GLN A 93 0.33 6.17 3.01
C GLN A 93 0.70 4.69 2.96
N SER A 94 1.85 4.32 3.51
CA SER A 94 2.37 2.96 3.33
C SER A 94 3.53 2.74 4.28
N MET A 95 3.95 1.48 4.41
CA MET A 95 5.05 1.22 5.32
C MET A 95 5.71 -0.10 4.86
N VAL A 96 7.04 -0.16 4.97
CA VAL A 96 7.82 -1.38 4.66
C VAL A 96 8.76 -1.64 5.82
N ILE A 97 9.02 -2.91 6.14
CA ILE A 97 10.01 -3.26 7.15
C ILE A 97 11.19 -3.92 6.47
N ARG A 98 12.40 -3.50 6.85
CA ARG A 98 13.63 -4.13 6.35
C ARG A 98 14.65 -4.15 7.49
N ASP A 99 15.14 -5.33 7.84
CA ASP A 99 16.25 -5.49 8.78
C ASP A 99 16.01 -4.70 10.09
N GLY A 100 14.82 -4.89 10.66
CA GLY A 100 14.50 -4.37 11.97
C GLY A 100 14.02 -2.94 12.00
N ILE A 101 13.88 -2.30 10.85
CA ILE A 101 13.53 -0.88 10.74
C ILE A 101 12.29 -0.77 9.90
N GLY A 102 11.31 0.00 10.38
CA GLY A 102 10.09 0.25 9.63
C GLY A 102 10.17 1.61 8.96
N TRP A 103 9.79 1.67 7.70
CA TRP A 103 9.90 2.89 6.91
C TRP A 103 8.47 3.32 6.59
N ILE A 104 8.05 4.47 7.11
CA ILE A 104 6.68 4.94 7.02
C ILE A 104 6.66 6.13 6.07
N VAL A 105 5.90 6.03 4.99
CA VAL A 105 5.77 7.10 4.01
C VAL A 105 4.67 8.05 4.45
N VAL A 106 4.99 9.33 4.67
CA VAL A 106 3.97 10.33 5.03
C VAL A 106 3.80 11.23 3.82
N ASN A 107 2.77 10.91 3.04
CA ASN A 107 2.63 11.41 1.68
C ASN A 107 2.52 12.93 1.63
N ASN A 108 1.77 13.56 2.54
CA ASN A 108 1.56 15.00 2.47
C ASN A 108 2.38 15.76 3.49
N SER A 109 3.48 15.15 3.93
CA SER A 109 4.43 15.80 4.81
C SER A 109 5.84 15.76 4.24
N HIS A 110 6.01 15.31 3.00
CA HIS A 110 7.31 15.36 2.33
C HIS A 110 8.36 14.46 2.98
N VAL A 111 7.98 13.39 3.68
CA VAL A 111 8.93 12.73 4.58
C VAL A 111 8.67 11.22 4.62
N ILE A 112 9.75 10.47 4.83
CA ILE A 112 9.68 9.08 5.25
C ILE A 112 10.38 8.99 6.60
N PHE A 113 9.72 8.37 7.58
CA PHE A 113 10.36 8.11 8.86
C PHE A 113 10.85 6.68 8.93
N ALA A 114 12.02 6.49 9.53
CA ALA A 114 12.50 5.15 9.87
C ALA A 114 12.36 4.98 11.38
N ILE A 115 11.68 3.91 11.80
CA ILE A 115 11.45 3.64 13.22
C ILE A 115 11.98 2.26 13.62
N ASP A 116 12.38 2.14 14.87
CA ASP A 116 12.61 0.81 15.45
C ASP A 116 11.28 0.06 15.56
N ILE A 117 11.24 -1.20 15.08
CA ILE A 117 9.97 -1.94 15.03
C ILE A 117 9.55 -2.52 16.37
N ASN A 118 10.40 -2.45 17.39
CA ASN A 118 10.03 -2.90 18.73
C ASN A 118 9.63 -1.77 19.67
N THR A 119 10.21 -0.58 19.51
CA THR A 119 9.95 0.52 20.42
C THR A 119 9.19 1.66 19.75
N PHE A 120 9.15 1.66 18.41
CA PHE A 120 8.52 2.70 17.60
C PHE A 120 9.28 4.02 17.63
N LYS A 121 10.46 4.08 18.23
CA LYS A 121 11.24 5.31 18.22
C LYS A 121 11.83 5.58 16.84
N GLU A 122 11.80 6.85 16.43
CA GLU A 122 12.50 7.31 15.22
C GLU A 122 14.00 7.02 15.30
N VAL A 123 14.52 6.38 14.26
CA VAL A 123 15.96 6.21 14.11
C VAL A 123 16.52 7.12 13.02
N GLY A 124 15.69 7.61 12.12
CA GLY A 124 16.10 8.60 11.12
C GLY A 124 14.90 8.99 10.28
N ARG A 125 15.17 9.92 9.37
CA ARG A 125 14.13 10.36 8.43
C ARG A 125 14.79 10.85 7.15
N ILE A 126 14.01 10.83 6.07
CA ILE A 126 14.41 11.44 4.80
C ILE A 126 13.35 12.46 4.42
N THR A 127 13.77 13.69 4.24
CA THR A 127 12.87 14.77 3.84
C THR A 127 13.14 15.19 2.40
N GLY A 128 12.31 16.09 1.88
CA GLY A 128 12.56 16.62 0.56
C GLY A 128 11.78 15.97 -0.56
N PHE A 129 10.88 15.03 -0.27
CA PHE A 129 10.09 14.39 -1.32
C PHE A 129 8.93 15.30 -1.71
N THR A 130 8.57 15.27 -2.99
CA THR A 130 7.40 16.04 -3.44
C THR A 130 6.13 15.59 -2.74
N SER A 131 5.81 14.28 -2.84
CA SER A 131 4.55 13.77 -2.30
C SER A 131 4.68 12.24 -2.39
N PRO A 132 5.41 11.65 -1.45
CA PRO A 132 5.88 10.26 -1.64
C PRO A 132 4.75 9.26 -1.43
N ARG A 133 4.91 8.08 -2.04
CA ARG A 133 3.83 7.10 -2.10
C ARG A 133 4.29 5.75 -1.54
N TYR A 134 5.16 5.06 -2.27
CA TYR A 134 5.62 3.71 -1.87
C TYR A 134 7.15 3.64 -1.93
N ILE A 135 7.73 2.73 -1.15
CA ILE A 135 9.17 2.50 -1.14
C ILE A 135 9.48 1.07 -1.57
N HIS A 136 10.46 0.92 -2.47
CA HIS A 136 10.92 -0.39 -2.92
C HIS A 136 12.43 -0.48 -2.77
N PHE A 137 12.91 -1.38 -1.89
CA PHE A 137 14.33 -1.52 -1.66
C PHE A 137 15.00 -2.41 -2.70
N LEU A 138 16.15 -1.95 -3.20
CA LEU A 138 17.03 -2.75 -4.04
C LEU A 138 18.26 -3.20 -3.28
N SER A 139 18.71 -2.42 -2.31
CA SER A 139 19.85 -2.76 -1.45
C SER A 139 19.76 -1.90 -0.19
N ASP A 140 20.71 -2.12 0.73
CA ASP A 140 20.78 -1.23 1.89
C ASP A 140 21.05 0.21 1.49
N GLU A 141 21.63 0.41 0.31
CA GLU A 141 22.06 1.73 -0.11
C GLU A 141 21.25 2.27 -1.28
N LYS A 142 20.17 1.59 -1.67
CA LYS A 142 19.42 2.03 -2.85
C LYS A 142 17.96 1.62 -2.73
N ALA A 143 17.05 2.59 -2.82
CA ALA A 143 15.63 2.29 -2.87
C ALA A 143 14.97 3.31 -3.79
N TYR A 144 13.81 2.94 -4.32
CA TYR A 144 13.00 3.84 -5.12
C TYR A 144 11.80 4.31 -4.30
N VAL A 145 11.44 5.59 -4.42
CA VAL A 145 10.27 6.13 -3.73
C VAL A 145 9.41 6.83 -4.77
N THR A 146 8.22 6.28 -5.01
CA THR A 146 7.31 6.83 -6.01
C THR A 146 6.62 8.08 -5.46
N GLN A 147 6.01 8.85 -6.36
CA GLN A 147 5.48 10.18 -6.01
C GLN A 147 4.18 10.48 -6.74
N ILE A 148 3.37 11.35 -6.16
CA ILE A 148 2.30 12.01 -6.90
C ILE A 148 2.71 13.47 -7.09
N TRP A 149 2.19 14.09 -8.15
CA TRP A 149 2.51 15.50 -8.47
C TRP A 149 3.98 15.66 -8.85
N ASP A 150 4.56 14.63 -9.46
CA ASP A 150 5.94 14.67 -9.91
C ASP A 150 6.04 13.63 -11.02
N TYR A 151 6.90 13.91 -12.01
CA TYR A 151 7.17 12.94 -13.06
C TYR A 151 8.38 12.08 -12.73
N ARG A 152 8.99 12.26 -11.56
CA ARG A 152 10.19 11.52 -11.19
C ARG A 152 9.90 10.52 -10.08
N ILE A 153 10.57 9.37 -10.15
CA ILE A 153 10.69 8.47 -9.00
C ILE A 153 12.00 8.83 -8.32
N PHE A 154 11.96 9.05 -7.00
CA PHE A 154 13.17 9.46 -6.29
C PHE A 154 14.00 8.22 -5.93
N ILE A 155 15.31 8.29 -6.16
CA ILE A 155 16.24 7.25 -5.70
C ILE A 155 16.86 7.74 -4.41
N ILE A 156 16.86 6.88 -3.37
CA ILE A 156 17.40 7.24 -2.08
C ILE A 156 18.47 6.25 -1.68
N ASN A 157 19.33 6.70 -0.77
CA ASN A 157 20.24 5.85 -0.03
C ASN A 157 19.70 5.74 1.40
N PRO A 158 19.06 4.62 1.76
CA PRO A 158 18.48 4.50 3.09
C PRO A 158 19.51 4.48 4.21
N LYS A 159 20.73 3.98 3.94
CA LYS A 159 21.77 3.93 4.96
C LYS A 159 22.23 5.33 5.35
N THR A 160 22.27 6.27 4.40
CA THR A 160 22.71 7.63 4.67
C THR A 160 21.56 8.63 4.79
N TYR A 161 20.31 8.18 4.58
CA TYR A 161 19.13 9.05 4.72
C TYR A 161 19.16 10.23 3.75
N GLU A 162 19.54 9.94 2.49
CA GLU A 162 19.73 10.96 1.46
C GLU A 162 18.99 10.59 0.19
N ILE A 163 18.48 11.62 -0.51
CA ILE A 163 18.04 11.45 -1.90
C ILE A 163 19.27 11.51 -2.78
N THR A 164 19.47 10.49 -3.62
CA THR A 164 20.66 10.41 -4.46
C THR A 164 20.43 10.61 -5.96
N GLY A 165 19.18 10.54 -6.44
CA GLY A 165 18.98 10.71 -7.86
C GLY A 165 17.50 10.57 -8.20
N TYR A 166 17.22 10.53 -9.50
CA TYR A 166 15.86 10.52 -10.01
C TYR A 166 15.74 9.64 -11.25
N ILE A 167 14.60 8.97 -11.37
CA ILE A 167 14.18 8.33 -12.62
C ILE A 167 13.10 9.20 -13.25
N GLU A 168 13.33 9.70 -14.46
CA GLU A 168 12.33 10.51 -15.15
C GLU A 168 11.37 9.62 -15.93
N CYS A 169 10.07 9.75 -15.63
CA CYS A 169 9.09 8.96 -16.35
C CYS A 169 8.68 9.69 -17.62
N PRO A 170 8.58 8.95 -18.73
CA PRO A 170 8.25 9.59 -20.02
C PRO A 170 6.79 10.04 -20.08
N ASP A 171 6.57 11.11 -20.82
CA ASP A 171 5.21 11.59 -21.08
C ASP A 171 4.45 11.88 -19.78
N MET A 172 5.13 12.51 -18.84
CA MET A 172 4.58 12.86 -17.53
C MET A 172 5.14 14.21 -17.12
N ASP A 173 4.34 14.98 -16.36
CA ASP A 173 4.75 16.30 -15.87
C ASP A 173 4.53 16.40 -14.36
N MET A 174 4.86 17.55 -13.79
CA MET A 174 4.61 17.75 -12.37
C MET A 174 3.13 18.01 -12.07
N GLU A 175 2.41 18.61 -13.02
CA GLU A 175 1.02 18.99 -12.71
C GLU A 175 0.13 17.79 -12.53
N SER A 176 0.40 16.68 -13.24
CA SER A 176 -0.45 15.50 -13.09
C SER A 176 0.31 14.20 -12.99
N GLY A 177 1.61 14.26 -12.72
CA GLY A 177 2.41 13.03 -12.63
C GLY A 177 1.97 12.13 -11.48
N SER A 178 2.15 10.82 -11.67
CA SER A 178 1.84 9.87 -10.62
C SER A 178 2.54 8.55 -10.88
N THR A 179 3.34 8.10 -9.91
CA THR A 179 3.79 6.72 -9.83
C THR A 179 3.42 6.18 -8.48
N GLU A 180 3.21 4.87 -8.37
CA GLU A 180 2.49 4.31 -7.22
C GLU A 180 3.15 3.03 -6.71
N GLN A 181 2.53 1.87 -6.87
CA GLN A 181 3.10 0.65 -6.29
C GLN A 181 4.09 -0.03 -7.26
N MET A 182 4.99 -0.84 -6.70
CA MET A 182 6.09 -1.42 -7.46
C MET A 182 6.16 -2.91 -7.18
N VAL A 183 6.57 -3.68 -8.20
CA VAL A 183 6.96 -5.08 -8.03
C VAL A 183 8.23 -5.33 -8.81
N GLN A 184 9.03 -6.29 -8.37
CA GLN A 184 10.24 -6.61 -9.10
C GLN A 184 10.09 -7.90 -9.90
N TYR A 185 10.69 -7.91 -11.09
CA TYR A 185 10.69 -9.08 -11.97
C TYR A 185 12.11 -9.19 -12.52
N GLY A 186 12.91 -10.09 -11.93
CA GLY A 186 14.32 -10.13 -12.32
C GLY A 186 14.98 -8.78 -12.04
N LYS A 187 15.69 -8.25 -13.04
CA LYS A 187 16.36 -6.96 -12.91
C LYS A 187 15.43 -5.78 -13.16
N TYR A 188 14.17 -6.02 -13.42
CA TYR A 188 13.24 -4.94 -13.75
C TYR A 188 12.32 -4.64 -12.58
N VAL A 189 11.94 -3.37 -12.42
CA VAL A 189 10.86 -3.02 -11.51
C VAL A 189 9.69 -2.54 -12.38
N TYR A 190 8.51 -3.07 -12.13
CA TYR A 190 7.29 -2.57 -12.76
C TYR A 190 6.58 -1.66 -11.78
N VAL A 191 5.98 -0.59 -12.28
CA VAL A 191 5.34 0.40 -11.41
C VAL A 191 4.04 0.85 -12.05
N ASN A 192 2.95 0.88 -11.28
CA ASN A 192 1.71 1.45 -11.83
C ASN A 192 1.72 2.96 -11.68
N CYS A 193 1.11 3.64 -12.67
CA CYS A 193 0.98 5.09 -12.66
C CYS A 193 -0.50 5.39 -12.45
N TRP A 194 -0.83 6.05 -11.32
CA TRP A 194 -2.22 6.03 -10.83
C TRP A 194 -2.99 7.30 -11.21
N SER A 195 -2.75 8.39 -10.51
CA SER A 195 -3.62 9.56 -10.61
C SER A 195 -3.42 10.27 -11.96
N TYR A 196 -4.49 10.37 -12.76
CA TYR A 196 -4.41 10.99 -14.11
C TYR A 196 -3.36 10.30 -14.98
N GLN A 197 -3.21 8.99 -14.84
CA GLN A 197 -2.33 8.21 -15.70
C GLN A 197 -3.03 6.91 -16.07
N ASN A 198 -2.43 6.16 -16.99
CA ASN A 198 -3.09 4.97 -17.50
C ASN A 198 -2.06 3.93 -17.93
N ARG A 199 -0.94 3.86 -17.22
CA ARG A 199 0.17 2.99 -17.67
C ARG A 199 0.78 2.19 -16.52
N ILE A 200 1.35 1.04 -16.88
CA ILE A 200 2.40 0.42 -16.07
C ILE A 200 3.71 0.73 -16.78
N LEU A 201 4.75 1.10 -16.01
CA LEU A 201 6.08 1.35 -16.58
C LEU A 201 7.02 0.22 -16.16
N LYS A 202 8.02 -0.02 -17.00
CA LYS A 202 9.09 -1.01 -16.76
C LYS A 202 10.43 -0.28 -16.63
N ILE A 203 11.10 -0.47 -15.48
CA ILE A 203 12.36 0.18 -15.16
C ILE A 203 13.47 -0.86 -15.12
N ASP A 204 14.55 -0.61 -15.85
CA ASP A 204 15.78 -1.40 -15.75
C ASP A 204 16.56 -0.89 -14.54
N THR A 205 16.65 -1.71 -13.49
CA THR A 205 17.32 -1.28 -12.26
C THR A 205 18.81 -1.12 -12.45
N GLU A 206 19.37 -1.70 -13.51
CA GLU A 206 20.79 -1.55 -13.76
C GLU A 206 21.14 -0.17 -14.32
N THR A 207 20.19 0.49 -14.96
CA THR A 207 20.45 1.81 -15.50
C THR A 207 19.58 2.88 -14.84
N ASP A 208 18.59 2.49 -14.01
CA ASP A 208 17.63 3.43 -13.43
C ASP A 208 16.86 4.21 -14.50
N LYS A 209 16.48 3.52 -15.58
CA LYS A 209 15.77 4.16 -16.69
C LYS A 209 14.50 3.39 -16.98
N VAL A 210 13.42 4.12 -17.32
CA VAL A 210 12.25 3.48 -17.88
C VAL A 210 12.58 2.98 -19.27
N VAL A 211 12.29 1.72 -19.53
CA VAL A 211 12.61 1.08 -20.80
C VAL A 211 11.39 0.62 -21.57
N ASP A 212 10.20 0.59 -20.95
CA ASP A 212 8.99 0.14 -21.64
C ASP A 212 7.78 0.60 -20.87
N GLU A 213 6.64 0.51 -21.54
CA GLU A 213 5.38 0.89 -20.92
C GLU A 213 4.25 0.11 -21.57
N LEU A 214 3.16 0.01 -20.82
CA LEU A 214 1.94 -0.68 -21.23
C LEU A 214 0.78 0.22 -20.88
N THR A 215 -0.02 0.61 -21.87
CA THR A 215 -1.23 1.41 -21.63
C THR A 215 -2.43 0.52 -21.39
N ILE A 216 -3.16 0.79 -20.30
CA ILE A 216 -4.36 0.04 -19.92
C ILE A 216 -5.44 1.07 -19.60
N GLY A 217 -6.51 0.66 -18.93
CA GLY A 217 -7.54 1.62 -18.53
C GLY A 217 -7.01 2.69 -17.58
N ILE A 218 -7.80 3.74 -17.38
CA ILE A 218 -7.31 4.85 -16.57
C ILE A 218 -7.18 4.50 -15.11
N GLN A 219 -6.09 4.97 -14.51
CA GLN A 219 -5.84 5.01 -13.06
C GLN A 219 -5.73 3.61 -12.45
N PRO A 220 -4.79 2.81 -12.91
CA PRO A 220 -4.45 1.59 -12.13
C PRO A 220 -3.97 2.00 -10.75
N THR A 221 -4.46 1.29 -9.72
CA THR A 221 -4.30 1.74 -8.33
C THR A 221 -3.14 1.06 -7.61
N SER A 222 -2.82 -0.15 -8.03
CA SER A 222 -2.00 -1.04 -7.19
C SER A 222 -1.44 -2.13 -8.08
N LEU A 223 -0.47 -2.90 -7.58
CA LEU A 223 0.19 -3.85 -8.44
C LEU A 223 0.76 -4.98 -7.61
N VAL A 224 0.51 -6.22 -8.02
CA VAL A 224 1.12 -7.39 -7.36
C VAL A 224 1.62 -8.35 -8.43
N MET A 225 2.47 -9.32 -8.03
CA MET A 225 3.00 -10.33 -8.94
C MET A 225 2.73 -11.70 -8.35
N ASP A 226 1.99 -12.54 -9.08
CA ASP A 226 1.67 -13.89 -8.62
C ASP A 226 2.79 -14.88 -8.85
N LYS A 227 2.58 -16.11 -8.35
CA LYS A 227 3.66 -17.11 -8.38
C LYS A 227 3.97 -17.60 -9.80
N TYR A 228 3.11 -17.29 -10.77
CA TYR A 228 3.35 -17.65 -12.16
C TYR A 228 3.95 -16.50 -12.92
N ASN A 229 4.40 -15.44 -12.21
CA ASN A 229 4.95 -14.25 -12.85
C ASN A 229 3.92 -13.57 -13.75
N LYS A 230 2.67 -13.57 -13.30
CA LYS A 230 1.65 -12.71 -13.88
C LYS A 230 1.41 -11.56 -12.92
N MET A 231 1.38 -10.35 -13.44
CA MET A 231 1.09 -9.20 -12.62
C MET A 231 -0.41 -8.98 -12.64
N TRP A 232 -0.93 -8.48 -11.53
CA TRP A 232 -2.31 -8.05 -11.45
C TRP A 232 -2.37 -6.59 -11.04
N THR A 233 -3.31 -5.87 -11.65
CA THR A 233 -3.55 -4.48 -11.28
C THR A 233 -5.04 -4.24 -11.41
N ILE A 234 -5.59 -3.33 -10.62
CA ILE A 234 -6.99 -2.98 -10.75
C ILE A 234 -7.08 -1.46 -10.85
N THR A 235 -7.93 -0.98 -11.77
CA THR A 235 -8.07 0.46 -11.92
C THR A 235 -9.25 0.99 -11.10
N ASP A 236 -9.26 2.31 -10.85
CA ASP A 236 -10.38 2.89 -10.10
C ASP A 236 -11.45 3.54 -10.97
N GLY A 237 -11.24 3.60 -12.29
CA GLY A 237 -12.25 4.15 -13.18
C GLY A 237 -12.30 5.66 -13.28
N GLY A 238 -11.42 6.38 -12.57
CA GLY A 238 -11.55 7.85 -12.48
C GLY A 238 -12.76 8.27 -11.67
N TYR A 239 -13.33 9.42 -12.01
CA TYR A 239 -14.41 9.95 -11.19
C TYR A 239 -15.23 10.91 -12.05
N GLU A 240 -16.51 11.08 -11.68
CA GLU A 240 -17.39 11.94 -12.48
C GLU A 240 -16.91 13.38 -12.42
N GLY A 241 -16.72 13.97 -13.60
CA GLY A 241 -16.21 15.32 -13.69
C GLY A 241 -14.69 15.39 -13.83
N SER A 242 -14.00 14.26 -13.80
CA SER A 242 -12.57 14.30 -13.96
C SER A 242 -12.18 14.89 -15.31
N PRO A 243 -11.14 15.73 -15.36
CA PRO A 243 -10.61 16.20 -16.64
C PRO A 243 -9.92 15.11 -17.44
N TYR A 244 -9.65 13.99 -16.83
CA TYR A 244 -8.89 12.93 -17.48
C TYR A 244 -9.77 11.78 -17.94
N GLY A 245 -10.74 11.39 -17.15
CA GLY A 245 -11.62 10.32 -17.57
C GLY A 245 -12.48 9.75 -16.46
N TYR A 246 -13.57 9.09 -16.87
CA TYR A 246 -14.49 8.39 -15.97
C TYR A 246 -15.06 7.23 -16.78
N GLU A 247 -14.74 6.00 -16.37
CA GLU A 247 -15.06 4.85 -17.21
C GLU A 247 -15.22 3.63 -16.34
N ALA A 248 -15.78 2.56 -16.90
CA ALA A 248 -15.88 1.30 -16.15
C ALA A 248 -14.46 0.83 -15.84
N PRO A 249 -14.18 0.46 -14.58
CA PRO A 249 -12.83 0.06 -14.17
C PRO A 249 -12.66 -1.43 -14.39
N SER A 250 -11.40 -1.89 -14.34
CA SER A 250 -11.11 -3.31 -14.63
C SER A 250 -9.97 -3.84 -13.78
N LEU A 251 -10.00 -5.15 -13.58
CA LEU A 251 -8.85 -5.90 -13.07
C LEU A 251 -8.13 -6.49 -14.30
N TYR A 252 -6.81 -6.48 -14.30
CA TYR A 252 -6.03 -7.03 -15.40
C TYR A 252 -5.07 -8.09 -14.89
N ARG A 253 -4.94 -9.18 -15.64
CA ARG A 253 -3.85 -10.15 -15.50
C ARG A 253 -2.88 -9.90 -16.65
N ILE A 254 -1.62 -9.59 -16.33
CA ILE A 254 -0.61 -9.18 -17.30
C ILE A 254 0.58 -10.15 -17.23
N ASP A 255 1.00 -10.70 -18.37
CA ASP A 255 2.22 -11.51 -18.37
C ASP A 255 3.48 -10.65 -18.16
N ALA A 256 4.27 -10.95 -17.13
CA ALA A 256 5.44 -10.11 -16.84
C ALA A 256 6.54 -10.29 -17.89
N GLU A 257 6.73 -11.50 -18.43
CA GLU A 257 7.84 -11.70 -19.35
C GLU A 257 7.65 -10.91 -20.62
N THR A 258 6.43 -10.96 -21.20
CA THR A 258 6.14 -10.29 -22.45
C THR A 258 5.50 -8.92 -22.26
N PHE A 259 5.11 -8.58 -21.01
CA PHE A 259 4.52 -7.29 -20.65
C PHE A 259 3.27 -7.02 -21.50
N THR A 260 2.37 -8.00 -21.53
CA THR A 260 1.14 -7.95 -22.32
C THR A 260 -0.05 -8.36 -21.48
N VAL A 261 -1.20 -7.74 -21.73
CA VAL A 261 -2.42 -8.14 -21.05
C VAL A 261 -2.84 -9.52 -21.52
N GLU A 262 -3.11 -10.42 -20.57
CA GLU A 262 -3.70 -11.72 -20.84
C GLU A 262 -5.23 -11.70 -20.74
N LYS A 263 -5.77 -11.06 -19.71
CA LYS A 263 -7.22 -10.96 -19.59
C LYS A 263 -7.56 -9.69 -18.82
N GLN A 264 -8.58 -9.02 -19.29
CA GLN A 264 -9.19 -7.86 -18.64
C GLN A 264 -10.54 -8.29 -18.07
N PHE A 265 -10.75 -8.05 -16.77
CA PHE A 265 -12.02 -8.31 -16.09
C PHE A 265 -12.68 -6.95 -15.84
N LYS A 266 -13.58 -6.54 -16.74
CA LYS A 266 -14.20 -5.22 -16.66
C LYS A 266 -15.40 -5.23 -15.73
N PHE A 267 -15.48 -4.24 -14.85
CA PHE A 267 -16.58 -4.09 -13.89
C PHE A 267 -17.53 -3.01 -14.38
N LYS A 268 -18.15 -2.25 -13.51
CA LYS A 268 -19.27 -1.38 -13.92
C LYS A 268 -18.93 0.09 -13.69
N LEU A 269 -19.35 0.94 -14.61
CA LEU A 269 -19.23 2.39 -14.40
C LEU A 269 -19.82 2.77 -13.06
N GLY A 270 -19.06 3.55 -12.28
CA GLY A 270 -19.45 3.99 -10.94
C GLY A 270 -18.82 3.15 -9.84
N ASP A 271 -18.32 1.96 -10.17
CA ASP A 271 -17.46 1.26 -9.22
C ASP A 271 -16.14 2.03 -9.08
N TRP A 272 -15.54 1.96 -7.91
CA TRP A 272 -14.29 2.66 -7.62
C TRP A 272 -13.34 1.70 -6.92
N PRO A 273 -12.84 0.70 -7.64
CA PRO A 273 -12.07 -0.41 -6.99
C PRO A 273 -10.66 0.01 -6.60
N SER A 274 -10.01 -0.85 -5.81
CA SER A 274 -8.63 -0.57 -5.39
C SER A 274 -8.01 -1.84 -4.81
N GLU A 275 -6.69 -1.75 -4.63
CA GLU A 275 -5.91 -2.56 -3.66
C GLU A 275 -5.96 -4.06 -3.95
N VAL A 276 -5.34 -4.43 -5.08
CA VAL A 276 -5.00 -5.87 -5.25
C VAL A 276 -4.02 -6.31 -4.15
N GLN A 277 -4.22 -7.51 -3.63
CA GLN A 277 -3.36 -8.10 -2.60
C GLN A 277 -3.29 -9.60 -2.80
N LEU A 278 -2.13 -10.18 -2.53
CA LEU A 278 -1.99 -11.64 -2.62
C LEU A 278 -1.79 -12.28 -1.26
N ASN A 279 -2.13 -13.55 -1.16
CA ASN A 279 -1.71 -14.37 0.00
C ASN A 279 -0.22 -14.71 -0.08
N GLY A 280 0.27 -15.48 0.92
CA GLY A 280 1.72 -15.60 1.08
C GLY A 280 2.37 -16.46 0.02
N THR A 281 1.63 -17.43 -0.52
CA THR A 281 2.11 -18.25 -1.63
C THR A 281 1.74 -17.66 -2.99
N ARG A 282 1.19 -16.44 -3.01
CA ARG A 282 0.96 -15.71 -4.26
C ARG A 282 0.12 -16.52 -5.23
N ASP A 283 -0.90 -17.20 -4.68
CA ASP A 283 -1.81 -18.02 -5.48
C ASP A 283 -3.26 -17.61 -5.34
N THR A 284 -3.58 -16.65 -4.47
CA THR A 284 -4.96 -16.23 -4.27
C THR A 284 -4.98 -14.71 -4.21
N LEU A 285 -5.82 -14.10 -5.04
CA LEU A 285 -5.86 -12.65 -5.20
C LEU A 285 -7.10 -12.11 -4.50
N TYR A 286 -6.94 -10.97 -3.81
CA TYR A 286 -8.05 -10.25 -3.20
C TYR A 286 -8.03 -8.81 -3.66
N TRP A 287 -9.19 -8.17 -3.65
CA TRP A 287 -9.23 -6.75 -3.98
C TRP A 287 -10.51 -6.14 -3.41
N ILE A 288 -10.60 -4.81 -3.49
CA ILE A 288 -11.76 -4.08 -2.97
C ILE A 288 -12.58 -3.58 -4.15
N ASN A 289 -13.88 -3.88 -4.14
CA ASN A 289 -14.81 -3.23 -5.07
C ASN A 289 -16.17 -3.29 -4.40
N ASN A 290 -16.39 -2.33 -3.46
CA ASN A 290 -17.50 -2.29 -2.49
C ASN A 290 -17.44 -3.48 -1.52
N ASP A 291 -17.58 -4.69 -2.04
CA ASP A 291 -17.26 -5.91 -1.32
C ASP A 291 -15.76 -6.16 -1.36
N ILE A 292 -15.31 -7.16 -0.59
CA ILE A 292 -13.96 -7.71 -0.77
C ILE A 292 -14.11 -8.94 -1.65
N TRP A 293 -13.39 -8.97 -2.76
CA TRP A 293 -13.42 -10.05 -3.73
C TRP A 293 -12.20 -10.93 -3.56
N ARG A 294 -12.36 -12.21 -3.92
CA ARG A 294 -11.30 -13.22 -3.84
C ARG A 294 -11.38 -14.13 -5.05
N MET A 295 -10.25 -14.39 -5.67
CA MET A 295 -10.13 -15.31 -6.82
C MET A 295 -8.82 -16.07 -6.77
N PRO A 296 -8.81 -17.39 -7.01
CA PRO A 296 -7.53 -18.07 -7.30
C PRO A 296 -6.88 -17.46 -8.55
N VAL A 297 -5.55 -17.36 -8.53
CA VAL A 297 -4.88 -16.70 -9.65
C VAL A 297 -4.99 -17.49 -10.94
N GLU A 298 -5.36 -18.79 -10.87
CA GLU A 298 -5.57 -19.62 -12.07
C GLU A 298 -6.98 -19.52 -12.63
N ALA A 299 -7.88 -18.83 -11.95
CA ALA A 299 -9.28 -18.93 -12.29
C ALA A 299 -9.57 -18.19 -13.60
N ASP A 300 -10.61 -18.67 -14.25
CA ASP A 300 -11.15 -18.13 -15.47
C ASP A 300 -12.05 -16.93 -15.21
N ARG A 301 -12.78 -16.94 -14.10
CA ARG A 301 -13.82 -15.97 -13.82
C ARG A 301 -13.79 -15.60 -12.34
N VAL A 302 -14.17 -14.35 -12.05
CA VAL A 302 -14.39 -13.94 -10.66
C VAL A 302 -15.59 -14.73 -10.13
N PRO A 303 -15.54 -15.25 -8.91
CA PRO A 303 -16.71 -15.93 -8.34
C PRO A 303 -17.91 -14.99 -8.29
N VAL A 304 -19.10 -15.58 -8.28
CA VAL A 304 -20.32 -14.78 -8.14
C VAL A 304 -20.34 -14.10 -6.78
N ARG A 305 -19.96 -14.83 -5.72
CA ARG A 305 -20.07 -14.28 -4.37
C ARG A 305 -18.73 -13.72 -3.91
N PRO A 306 -18.74 -12.59 -3.21
CA PRO A 306 -17.49 -12.01 -2.71
C PRO A 306 -17.04 -12.75 -1.46
N PHE A 307 -15.78 -12.49 -1.09
CA PHE A 307 -15.25 -12.98 0.18
C PHE A 307 -15.93 -12.32 1.36
N LEU A 308 -16.16 -11.00 1.31
CA LEU A 308 -16.81 -10.27 2.40
C LEU A 308 -17.78 -9.31 1.75
N GLU A 309 -19.07 -9.41 2.09
CA GLU A 309 -20.07 -8.55 1.45
C GLU A 309 -19.96 -7.09 1.91
N PHE A 310 -20.20 -6.17 0.96
CA PHE A 310 -20.41 -4.75 1.25
C PHE A 310 -21.45 -4.60 2.37
N ARG A 311 -21.22 -3.64 3.27
CA ARG A 311 -22.14 -3.40 4.39
C ARG A 311 -22.45 -1.92 4.57
N ASP A 312 -22.46 -1.15 3.48
CA ASP A 312 -22.80 0.27 3.51
C ASP A 312 -21.80 1.09 4.31
N THR A 313 -20.54 0.63 4.28
CA THR A 313 -19.43 1.38 4.85
C THR A 313 -18.39 1.65 3.77
N LYS A 314 -17.10 1.66 4.08
CA LYS A 314 -16.08 2.11 3.12
C LYS A 314 -14.86 1.21 3.29
N TYR A 315 -14.92 -0.03 2.83
CA TYR A 315 -13.70 -0.86 2.80
C TYR A 315 -12.64 -0.13 1.99
N TYR A 316 -11.43 -0.03 2.55
CA TYR A 316 -10.46 0.91 2.01
C TYR A 316 -9.04 0.39 2.02
N GLY A 317 -8.70 -0.57 2.87
CA GLY A 317 -7.37 -1.16 2.84
C GLY A 317 -7.46 -2.64 3.10
N LEU A 318 -6.39 -3.36 2.74
CA LEU A 318 -6.51 -4.81 2.69
C LEU A 318 -5.15 -5.46 2.82
N THR A 319 -5.06 -6.59 3.54
CA THR A 319 -3.82 -7.37 3.54
C THR A 319 -4.14 -8.80 3.90
N VAL A 320 -3.19 -9.70 3.60
CA VAL A 320 -3.36 -11.11 3.93
C VAL A 320 -2.12 -11.51 4.72
N ASN A 321 -2.33 -12.18 5.85
CA ASN A 321 -1.19 -12.66 6.64
C ASN A 321 -0.39 -13.64 5.77
N PRO A 322 0.91 -13.39 5.55
CA PRO A 322 1.68 -14.22 4.61
C PRO A 322 1.91 -15.63 5.10
N ASN A 323 1.78 -15.86 6.40
CA ASN A 323 2.01 -17.17 6.98
C ASN A 323 0.77 -18.06 7.11
N ASN A 324 -0.39 -17.46 7.43
CA ASN A 324 -1.57 -18.26 7.74
C ASN A 324 -2.81 -17.90 6.91
N GLY A 325 -2.72 -16.90 6.03
CA GLY A 325 -3.82 -16.62 5.11
C GLY A 325 -4.97 -15.84 5.71
N GLU A 326 -4.89 -15.43 6.97
CA GLU A 326 -5.95 -14.58 7.55
C GLU A 326 -6.00 -13.26 6.81
N VAL A 327 -7.22 -12.77 6.59
CA VAL A 327 -7.45 -11.62 5.73
C VAL A 327 -7.86 -10.47 6.63
N TYR A 328 -7.19 -9.31 6.48
CA TYR A 328 -7.51 -8.13 7.28
C TYR A 328 -8.06 -7.06 6.38
N VAL A 329 -9.21 -6.50 6.75
CA VAL A 329 -9.91 -5.52 5.92
C VAL A 329 -10.00 -4.23 6.72
N ALA A 330 -9.39 -3.16 6.23
CA ALA A 330 -9.50 -1.83 6.86
C ALA A 330 -10.73 -1.11 6.31
N ASP A 331 -11.58 -0.61 7.20
CA ASP A 331 -12.85 0.04 6.84
C ASP A 331 -12.80 1.47 7.34
N ALA A 332 -12.84 2.41 6.40
CA ALA A 332 -12.84 3.82 6.79
C ALA A 332 -14.19 4.30 7.30
N ILE A 333 -15.25 3.48 7.17
CA ILE A 333 -16.61 3.68 7.68
C ILE A 333 -17.32 4.79 6.91
N ASP A 334 -16.93 6.04 7.17
CA ASP A 334 -17.53 7.20 6.50
C ASP A 334 -16.47 8.29 6.24
N TYR A 335 -15.18 7.95 6.41
CA TYR A 335 -14.05 8.86 6.22
C TYR A 335 -13.95 9.90 7.32
N GLN A 336 -14.78 9.83 8.38
CA GLN A 336 -14.78 10.84 9.42
C GLN A 336 -14.54 10.26 10.80
N GLN A 337 -15.25 9.20 11.15
CA GLN A 337 -15.06 8.62 12.45
C GLN A 337 -13.89 7.64 12.47
N GLN A 338 -13.56 7.17 13.67
CA GLN A 338 -12.49 6.19 13.82
C GLN A 338 -12.80 4.96 12.97
N GLY A 339 -11.81 4.50 12.21
CA GLY A 339 -11.99 3.34 11.36
C GLY A 339 -11.81 2.05 12.13
N ILE A 340 -12.13 0.94 11.47
CA ILE A 340 -12.07 -0.40 12.07
C ILE A 340 -11.35 -1.34 11.13
N VAL A 341 -10.70 -2.36 11.70
CA VAL A 341 -10.12 -3.44 10.92
C VAL A 341 -10.83 -4.73 11.29
N TYR A 342 -11.28 -5.48 10.29
CA TYR A 342 -11.83 -6.82 10.51
C TYR A 342 -10.77 -7.86 10.18
N ARG A 343 -10.70 -8.91 10.99
CA ARG A 343 -9.74 -10.00 10.81
C ARG A 343 -10.54 -11.26 10.55
N TYR A 344 -10.37 -11.84 9.36
CA TYR A 344 -11.14 -13.03 8.96
C TYR A 344 -10.23 -14.22 8.74
N SER A 345 -10.75 -15.42 8.99
CA SER A 345 -10.03 -16.63 8.59
C SER A 345 -10.02 -16.74 7.06
N PRO A 346 -9.13 -17.59 6.52
CA PRO A 346 -9.14 -17.79 5.06
C PRO A 346 -10.44 -18.32 4.54
N GLN A 347 -11.27 -18.94 5.39
CA GLN A 347 -12.59 -19.41 4.99
C GLN A 347 -13.69 -18.38 5.20
N GLY A 348 -13.34 -17.16 5.58
CA GLY A 348 -14.33 -16.09 5.64
C GLY A 348 -15.06 -15.94 6.96
N LYS A 349 -14.56 -16.55 8.04
CA LYS A 349 -15.17 -16.46 9.36
C LYS A 349 -14.50 -15.34 10.17
N LEU A 350 -15.30 -14.48 10.79
CA LEU A 350 -14.74 -13.39 11.60
C LEU A 350 -13.98 -13.94 12.80
N ILE A 351 -12.73 -13.51 12.97
CA ILE A 351 -11.91 -13.84 14.13
C ILE A 351 -11.91 -12.71 15.15
N ASP A 352 -11.78 -11.47 14.70
CA ASP A 352 -11.61 -10.34 15.60
C ASP A 352 -11.93 -9.08 14.82
N GLU A 353 -12.22 -8.01 15.53
CA GLU A 353 -12.26 -6.71 14.88
C GLU A 353 -11.84 -5.64 15.89
N PHE A 354 -11.19 -4.60 15.40
CA PHE A 354 -10.55 -3.67 16.31
C PHE A 354 -10.49 -2.27 15.70
N TYR A 355 -10.76 -1.25 16.49
CA TYR A 355 -10.76 0.13 15.99
C TYR A 355 -9.35 0.71 16.03
N VAL A 356 -9.05 1.51 15.00
CA VAL A 356 -7.69 2.00 14.72
C VAL A 356 -7.68 3.51 14.71
N GLY A 357 -7.14 4.14 13.66
CA GLY A 357 -7.18 5.57 13.49
C GLY A 357 -8.18 5.96 12.42
N ILE A 358 -8.04 7.17 11.87
CA ILE A 358 -8.96 7.70 10.86
C ILE A 358 -8.43 7.31 9.48
N ILE A 359 -9.32 6.76 8.64
CA ILE A 359 -9.02 6.28 7.28
C ILE A 359 -7.80 5.35 7.30
N PRO A 360 -7.90 4.20 7.95
CA PRO A 360 -6.84 3.18 7.82
C PRO A 360 -6.73 2.73 6.36
N GLY A 361 -5.52 2.78 5.82
CA GLY A 361 -5.36 2.57 4.39
C GLY A 361 -4.34 1.52 4.01
N ALA A 362 -3.48 1.10 4.93
CA ALA A 362 -2.41 0.18 4.52
C ALA A 362 -1.88 -0.56 5.74
N PHE A 363 -1.18 -1.65 5.46
CA PHE A 363 -0.68 -2.55 6.47
C PHE A 363 0.78 -2.89 6.24
N CYS A 364 1.44 -3.33 7.31
CA CYS A 364 2.81 -3.84 7.15
C CYS A 364 3.03 -4.93 8.18
N TRP A 365 3.38 -6.12 7.73
CA TRP A 365 3.59 -7.25 8.62
C TRP A 365 4.96 -7.21 9.29
N LYS A 366 4.98 -7.49 10.59
CA LYS A 366 6.21 -7.67 11.35
C LYS A 366 6.26 -9.15 11.70
N LEU A 367 7.12 -9.90 11.03
CA LEU A 367 7.12 -11.34 11.24
C LEU A 367 8.45 -11.78 11.82
N GLU A 368 8.38 -12.75 12.71
CA GLU A 368 9.56 -13.15 13.45
C GLU A 368 10.61 -13.74 12.52
N HIS A 369 10.17 -14.53 11.54
CA HIS A 369 11.06 -15.06 10.51
C HIS A 369 10.65 -14.48 9.16
N HIS A 370 11.56 -13.70 8.55
CA HIS A 370 11.24 -12.98 7.32
C HIS A 370 10.62 -13.91 6.29
N HIS A 371 9.44 -13.56 5.82
CA HIS A 371 8.77 -14.39 4.85
C HIS A 371 9.16 -13.95 3.45
N HIS A 372 9.59 -14.91 2.61
CA HIS A 372 9.69 -14.70 1.18
C HIS A 372 9.04 -15.88 0.46
N HIS A 373 8.78 -15.74 -0.84
CA HIS A 373 8.14 -16.83 -1.57
C HIS A 373 8.48 -16.81 -3.05
N HIS A 374 8.77 -17.98 -3.59
CA HIS A 374 8.72 -18.18 -5.01
C HIS A 374 8.48 -19.65 -5.29
C CYN B . -8.80 9.70 -3.92
N CYN B . -8.53 8.75 -4.59
CL CL C . 0.82 7.93 15.71
N59 CBY D . -13.13 12.93 3.27
C57 CBY D . -13.28 12.44 2.04
O58 CBY D . -14.41 12.28 1.53
C56 CBY D . -12.02 12.11 1.24
C55 CBY D . -11.77 10.58 1.33
C17 CBY D . -10.75 10.06 0.27
C54 CBY D . -10.72 8.51 0.24
C18 CBY D . -9.34 10.66 0.57
C19 CBY D . -8.70 10.76 -0.78
C60 CBY D . -8.54 9.98 1.68
C61 CBY D . -8.00 10.85 2.81
N62 CBY D . -7.01 10.30 3.51
O63 CBY D . -8.48 11.97 3.06
C16 CBY D . -11.01 10.57 -1.16
N24 CBY D . -9.79 10.98 -1.69
C15 CBY D . -12.21 10.59 -1.84
C53 CBY D . -13.49 10.03 -1.24
C14 CBY D . -12.30 10.99 -3.24
C13 CBY D . -13.59 11.21 -3.97
C48 CBY D . -14.33 12.48 -3.46
C49 CBY D . -15.88 12.39 -3.62
C50 CBY D . -16.52 10.98 -3.65
N52 CBY D . -16.59 10.28 -2.52
O51 CBY D . -16.97 10.50 -4.68
C12 CBY D . -13.12 11.32 -5.45
C46 CBY D . -13.86 12.29 -6.43
C47 CBY D . -13.09 9.93 -6.07
C11 CBY D . -11.66 11.71 -5.30
N23 CBY D . -11.19 11.45 -4.00
C10 CBY D . -10.91 12.18 -6.31
C9 CBY D . -9.48 12.43 -6.25
C8 CBY D . -8.72 13.06 -7.36
C41 CBY D . -8.77 14.61 -7.26
C42 CBY D . -10.21 15.13 -7.32
C43 CBY D . -10.22 16.63 -7.54
N45 CBY D . -10.96 17.02 -8.53
O44 CBY D . -9.57 17.39 -6.88
C7 CBY D . -7.28 12.54 -7.08
C36 CBY D . -6.18 13.48 -7.66
C37 CBY D . -7.15 11.09 -7.63
C38 CBY D . -7.55 10.90 -9.06
N40 CBY D . -6.74 11.29 -10.02
O39 CBY D . -8.66 10.41 -9.31
C6 CBY D . -7.30 12.36 -5.53
N22 CBY D . -8.66 12.20 -5.12
C5 CBY D . -6.25 12.17 -4.68
C35 CBY D . -4.85 12.15 -5.21
C4 CBY D . -6.41 11.99 -3.24
C3 CBY D . -5.31 11.87 -2.24
C30 CBY D . -4.63 13.25 -2.03
C31 CBY D . -3.11 13.06 -1.84
C32 CBY D . -2.29 14.27 -2.25
N33 CBY D . -1.12 14.41 -1.66
O34 CBY D . -2.70 15.09 -3.09
C2 CBY D . -6.03 11.24 -0.99
C25 CBY D . -5.43 11.68 0.36
C1 CBY D . -7.50 11.65 -1.17
C20 CBY D . -7.81 13.06 -0.57
N21 CBY D . -7.64 11.79 -2.65
CO CBY D . -9.35 11.60 -3.44
C26 CBY D . -5.90 9.70 -1.12
C27 CBY D . -4.46 9.22 -0.99
O28 CBY D . -3.62 9.47 -1.88
N29 CBY D . -4.16 8.52 0.10
C71 CBY D . -14.21 13.39 4.19
C72 CBY D . -14.85 14.71 3.62
C73 CBY D . -15.83 15.20 4.73
O8 CBY D . -13.73 15.65 3.63
#